data_4QYL
#
_entry.id   4QYL
#
_cell.length_a   60.908
_cell.length_b   55.581
_cell.length_c   82.135
_cell.angle_alpha   90.00
_cell.angle_beta   93.58
_cell.angle_gamma   90.00
#
_symmetry.space_group_name_H-M   'P 1 21 1'
#
loop_
_entity.id
_entity.type
_entity.pdbx_description
1 polymer Peregrin
2 polymer 'Histone H2A type 1'
3 non-polymer 'SULFATE ION'
4 water water
#
loop_
_entity_poly.entity_id
_entity_poly.type
_entity_poly.pdbx_seq_one_letter_code
_entity_poly.pdbx_strand_id
1 'polypeptide(L)'
;GPLQLTPFLILLRKTLEQLQEKDTGNIFSEPVPLSEVPDYLDHIKKPMDFFTMKQNLEAYRYLNFDDFEEDFNLIVSNCL
KYNAKDTIFYRAAVRLREQGGAVLRQARRQAEKMGID
;
A,B,C,D
2 'polypeptide(L)' SGRG(ALY)QGGKARA E,F,G,H
#
# COMPACT_ATOMS: atom_id res chain seq x y z
N GLY A 1 5.77 -2.69 -35.28
CA GLY A 1 5.56 -3.22 -33.91
C GLY A 1 4.26 -4.02 -33.82
N PRO A 2 4.02 -4.67 -32.66
CA PRO A 2 2.76 -5.40 -32.50
C PRO A 2 1.60 -4.41 -32.62
N LEU A 3 0.41 -4.89 -33.00
CA LEU A 3 -0.72 -3.97 -33.14
C LEU A 3 -2.01 -4.71 -32.82
N GLN A 4 -2.63 -4.31 -31.72
CA GLN A 4 -3.89 -4.90 -31.30
C GLN A 4 -5.07 -4.06 -31.71
N LEU A 5 -6.02 -4.68 -32.43
CA LEU A 5 -7.18 -4.01 -32.93
C LEU A 5 -8.43 -4.52 -32.20
N THR A 6 -8.91 -3.75 -31.22
CA THR A 6 -10.22 -4.01 -30.55
C THR A 6 -10.97 -2.65 -30.60
N PRO A 7 -12.28 -2.67 -30.65
CA PRO A 7 -12.99 -1.37 -30.57
C PRO A 7 -12.54 -0.42 -29.43
N PHE A 8 -12.31 -0.96 -28.23
CA PHE A 8 -11.85 -0.11 -27.13
C PHE A 8 -10.47 0.56 -27.44
N LEU A 9 -9.51 -0.17 -27.97
CA LEU A 9 -8.20 0.40 -28.24
C LEU A 9 -8.29 1.35 -29.38
N ILE A 10 -9.16 1.06 -30.34
CA ILE A 10 -9.42 2.03 -31.43
C ILE A 10 -9.91 3.40 -30.89
N LEU A 11 -10.83 3.35 -29.94
CA LEU A 11 -11.40 4.53 -29.33
C LEU A 11 -10.33 5.27 -28.53
N LEU A 12 -9.53 4.54 -27.77
CA LEU A 12 -8.45 5.17 -26.98
C LEU A 12 -7.38 5.84 -27.91
N ARG A 13 -7.05 5.20 -29.02
CA ARG A 13 -6.16 5.82 -30.02
C ARG A 13 -6.69 7.16 -30.53
N LYS A 14 -7.96 7.18 -30.98
N LYS A 14 -7.96 7.18 -30.98
CA LYS A 14 -8.59 8.40 -31.42
CA LYS A 14 -8.60 8.40 -31.43
C LYS A 14 -8.58 9.45 -30.33
C LYS A 14 -8.59 9.46 -30.33
N THR A 15 -9.00 9.09 -29.11
CA THR A 15 -9.10 10.03 -28.01
C THR A 15 -7.74 10.59 -27.65
N LEU A 16 -6.74 9.74 -27.64
CA LEU A 16 -5.41 10.18 -27.28
C LEU A 16 -4.91 11.20 -28.27
N GLU A 17 -5.05 10.92 -29.57
N GLU A 17 -5.06 10.92 -29.56
CA GLU A 17 -4.65 11.90 -30.59
CA GLU A 17 -4.66 11.88 -30.57
C GLU A 17 -5.42 13.20 -30.50
C GLU A 17 -5.42 13.19 -30.47
N GLN A 18 -6.71 13.12 -30.18
CA GLN A 18 -7.51 14.30 -29.88
C GLN A 18 -6.97 15.09 -28.67
N LEU A 19 -6.58 14.41 -27.62
CA LEU A 19 -5.97 15.11 -26.50
C LEU A 19 -4.62 15.80 -26.88
N GLN A 20 -3.77 15.08 -27.59
N GLN A 20 -3.76 15.07 -27.57
CA GLN A 20 -2.42 15.57 -27.92
CA GLN A 20 -1.95 14.82 -27.26
CA GLN A 20 -2.42 15.57 -27.89
C GLN A 20 -2.51 16.78 -28.83
C GLN A 20 -2.50 16.76 -28.83
N GLU A 21 -3.55 16.80 -29.64
CA GLU A 21 -3.80 17.90 -30.54
C GLU A 21 -4.02 19.19 -29.76
N LYS A 22 -4.50 19.09 -28.54
CA LYS A 22 -4.73 20.27 -27.74
C LYS A 22 -3.45 20.81 -27.13
N ASP A 23 -2.42 19.99 -27.03
CA ASP A 23 -1.10 20.40 -26.51
C ASP A 23 -0.29 20.95 -27.67
N THR A 24 -0.62 22.16 -28.07
CA THR A 24 -0.05 22.76 -29.28
C THR A 24 1.47 22.95 -29.16
N GLY A 25 1.99 23.13 -27.95
CA GLY A 25 3.44 23.29 -27.77
C GLY A 25 4.25 22.04 -27.61
N ASN A 26 3.60 20.87 -27.60
CA ASN A 26 4.25 19.61 -27.32
C ASN A 26 4.93 19.60 -25.94
N ILE A 27 4.40 20.39 -25.03
CA ILE A 27 4.94 20.46 -23.69
C ILE A 27 4.81 19.13 -22.96
N PHE A 28 3.73 18.42 -23.24
CA PHE A 28 3.42 17.18 -22.52
C PHE A 28 3.75 15.91 -23.30
N SER A 29 4.46 16.04 -24.44
CA SER A 29 4.65 14.96 -25.36
C SER A 29 5.56 13.84 -24.82
N GLU A 30 6.56 14.22 -23.99
CA GLU A 30 7.57 13.30 -23.47
C GLU A 30 7.71 13.40 -21.93
N PRO A 31 8.26 12.39 -21.30
CA PRO A 31 8.56 12.53 -19.88
C PRO A 31 9.37 13.78 -19.54
N VAL A 32 9.07 14.40 -18.43
CA VAL A 32 9.96 15.48 -17.94
C VAL A 32 11.32 14.82 -17.65
N PRO A 33 12.42 15.34 -18.24
CA PRO A 33 13.78 14.73 -18.07
C PRO A 33 14.36 14.99 -16.69
N LEU A 34 14.42 13.93 -15.86
CA LEU A 34 14.85 14.02 -14.46
C LEU A 34 16.31 14.48 -14.42
N SER A 35 17.07 14.18 -15.46
CA SER A 35 18.46 14.60 -15.53
C SER A 35 18.57 16.11 -15.64
N GLU A 36 17.58 16.79 -16.22
CA GLU A 36 17.56 18.25 -16.30
C GLU A 36 16.78 18.89 -15.15
N VAL A 37 15.89 18.12 -14.50
CA VAL A 37 14.97 18.67 -13.49
C VAL A 37 15.11 17.76 -12.28
N PRO A 38 16.27 17.82 -11.61
CA PRO A 38 16.62 16.80 -10.64
C PRO A 38 15.75 16.84 -9.40
N ASP A 39 14.97 17.90 -9.18
CA ASP A 39 14.04 17.94 -8.00
C ASP A 39 12.59 17.53 -8.33
N TYR A 40 12.34 17.10 -9.56
CA TYR A 40 10.96 16.78 -9.99
C TYR A 40 10.28 15.71 -9.10
N LEU A 41 10.98 14.62 -8.83
CA LEU A 41 10.39 13.55 -8.02
C LEU A 41 10.25 13.89 -6.53
N ASP A 42 10.90 14.97 -6.11
CA ASP A 42 10.75 15.45 -4.75
C ASP A 42 9.31 15.90 -4.54
N HIS A 43 8.65 16.26 -5.64
CA HIS A 43 7.31 16.85 -5.63
C HIS A 43 6.25 15.95 -6.27
N ILE A 44 6.67 15.12 -7.21
CA ILE A 44 5.74 14.37 -8.05
C ILE A 44 5.89 12.87 -7.81
N LYS A 45 4.84 12.26 -7.31
CA LYS A 45 4.83 10.82 -7.03
C LYS A 45 4.81 9.99 -8.29
N LYS A 46 4.03 10.37 -9.31
CA LYS A 46 3.91 9.56 -10.54
C LYS A 46 3.86 10.46 -11.77
N PRO A 47 5.05 10.69 -12.40
CA PRO A 47 5.11 11.43 -13.64
C PRO A 47 4.22 10.82 -14.71
N MET A 48 3.69 11.67 -15.59
CA MET A 48 2.96 11.15 -16.73
C MET A 48 3.13 12.07 -17.90
N ASP A 49 3.00 11.53 -19.11
CA ASP A 49 3.16 12.26 -20.33
C ASP A 49 2.51 11.47 -21.47
N PHE A 50 2.35 12.09 -22.61
CA PHE A 50 1.65 11.43 -23.67
C PHE A 50 2.35 10.21 -24.41
N PHE A 51 3.67 10.21 -24.48
CA PHE A 51 4.43 9.09 -24.99
C PHE A 51 4.23 7.84 -24.10
N THR A 52 4.31 8.02 -22.80
CA THR A 52 3.99 6.99 -21.87
C THR A 52 2.52 6.49 -21.97
N MET A 53 1.58 7.38 -22.13
CA MET A 53 0.18 7.01 -22.37
C MET A 53 -0.01 6.18 -23.63
N LYS A 54 0.60 6.61 -24.73
CA LYS A 54 0.58 5.79 -25.92
C LYS A 54 1.12 4.40 -25.71
N GLN A 55 2.22 4.29 -25.01
CA GLN A 55 2.86 2.91 -24.78
C GLN A 55 1.99 2.01 -23.87
N ASN A 56 1.41 2.61 -22.83
CA ASN A 56 0.40 1.94 -22.03
C ASN A 56 -0.82 1.41 -22.88
N LEU A 57 -1.41 2.30 -23.69
CA LEU A 57 -2.48 1.96 -24.59
C LEU A 57 -2.09 0.72 -25.42
N GLU A 58 -0.96 0.82 -26.14
CA GLU A 58 -0.59 -0.20 -27.11
C GLU A 58 -0.29 -1.54 -26.43
N ALA A 59 0.22 -1.50 -25.19
CA ALA A 59 0.47 -2.72 -24.36
C ALA A 59 -0.81 -3.29 -23.72
N TYR A 60 -1.96 -2.68 -23.93
CA TYR A 60 -3.21 -3.07 -23.24
C TYR A 60 -3.13 -2.93 -21.72
N ARG A 61 -2.43 -1.90 -21.27
CA ARG A 61 -2.43 -1.53 -19.81
C ARG A 61 -3.57 -0.64 -19.34
N TYR A 62 -4.35 -0.07 -20.27
CA TYR A 62 -5.65 0.57 -19.97
C TYR A 62 -6.75 -0.42 -20.33
N LEU A 63 -7.48 -0.83 -19.29
CA LEU A 63 -8.54 -1.80 -19.44
C LEU A 63 -9.92 -1.17 -19.41
N ASN A 64 -10.00 0.10 -19.00
CA ASN A 64 -11.28 0.75 -18.98
C ASN A 64 -11.01 2.21 -19.15
N PHE A 65 -12.05 3.00 -19.38
CA PHE A 65 -11.92 4.40 -19.70
C PHE A 65 -11.42 5.22 -18.50
N ASP A 66 -11.92 4.91 -17.29
CA ASP A 66 -11.48 5.60 -16.14
C ASP A 66 -9.96 5.62 -15.97
N ASP A 67 -9.31 4.50 -16.20
CA ASP A 67 -7.86 4.44 -16.02
C ASP A 67 -7.08 5.26 -17.03
N PHE A 68 -7.59 5.30 -18.24
CA PHE A 68 -7.03 6.19 -19.26
C PHE A 68 -7.19 7.65 -18.86
N GLU A 69 -8.40 8.02 -18.44
CA GLU A 69 -8.64 9.36 -18.03
C GLU A 69 -7.76 9.83 -16.84
N GLU A 70 -7.57 8.93 -15.90
CA GLU A 70 -6.78 9.21 -14.71
C GLU A 70 -5.38 9.60 -15.10
N ASP A 71 -4.81 8.92 -16.07
CA ASP A 71 -3.43 9.28 -16.52
C ASP A 71 -3.43 10.68 -17.22
N PHE A 72 -4.42 11.00 -18.01
CA PHE A 72 -4.52 12.39 -18.57
C PHE A 72 -4.63 13.45 -17.48
N ASN A 73 -5.44 13.17 -16.50
CA ASN A 73 -5.53 14.00 -15.38
C ASN A 73 -4.22 14.16 -14.61
N LEU A 74 -3.37 13.13 -14.58
CA LEU A 74 -2.05 13.27 -13.96
C LEU A 74 -1.16 14.23 -14.70
N ILE A 75 -1.19 14.17 -16.03
CA ILE A 75 -0.40 15.02 -16.82
C ILE A 75 -0.69 16.43 -16.33
N VAL A 76 -1.95 16.73 -16.19
CA VAL A 76 -2.39 18.10 -15.89
C VAL A 76 -2.03 18.42 -14.46
N SER A 77 -2.39 17.51 -13.55
CA SER A 77 -2.24 17.82 -12.11
C SER A 77 -0.78 17.89 -11.67
N ASN A 78 0.06 17.00 -12.19
CA ASN A 78 1.48 17.11 -11.96
C ASN A 78 2.04 18.47 -12.38
N CYS A 79 1.62 18.94 -13.55
CA CYS A 79 2.15 20.19 -14.10
C CYS A 79 1.73 21.39 -13.27
N LEU A 80 0.52 21.36 -12.78
CA LEU A 80 -0.01 22.41 -11.96
C LEU A 80 0.64 22.42 -10.56
N LYS A 81 1.01 21.25 -10.08
CA LYS A 81 1.69 21.11 -8.77
C LYS A 81 3.16 21.57 -8.84
N TYR A 82 3.89 21.08 -9.85
CA TYR A 82 5.33 21.36 -9.93
C TYR A 82 5.70 22.77 -10.34
N ASN A 83 4.96 23.34 -11.29
CA ASN A 83 5.33 24.62 -11.84
C ASN A 83 4.58 25.78 -11.20
N ALA A 84 5.26 26.91 -11.03
CA ALA A 84 4.62 28.13 -10.54
C ALA A 84 3.54 28.66 -11.48
N LYS A 85 2.54 29.28 -10.87
CA LYS A 85 1.36 29.75 -11.58
C LYS A 85 1.69 30.64 -12.76
N ASP A 86 2.77 31.42 -12.68
CA ASP A 86 3.00 32.38 -13.77
C ASP A 86 3.78 31.80 -14.93
N THR A 87 4.15 30.53 -14.83
CA THR A 87 4.97 29.92 -15.88
C THR A 87 4.19 29.49 -17.12
N ILE A 88 4.85 29.40 -18.28
CA ILE A 88 4.14 28.97 -19.46
C ILE A 88 3.64 27.52 -19.28
N PHE A 89 4.35 26.73 -18.51
CA PHE A 89 3.95 25.38 -18.30
C PHE A 89 2.65 25.24 -17.53
N TYR A 90 2.55 25.94 -16.40
CA TYR A 90 1.32 25.99 -15.67
C TYR A 90 0.16 26.46 -16.55
N ARG A 91 0.37 27.52 -17.29
CA ARG A 91 -0.70 28.08 -18.09
C ARG A 91 -1.11 27.05 -19.20
N ALA A 92 -0.13 26.33 -19.72
CA ALA A 92 -0.37 25.30 -20.76
C ALA A 92 -1.23 24.17 -20.20
N ALA A 93 -1.01 23.83 -18.92
CA ALA A 93 -1.73 22.74 -18.26
C ALA A 93 -3.17 23.14 -18.01
N VAL A 94 -3.41 24.40 -17.68
CA VAL A 94 -4.79 24.93 -17.54
C VAL A 94 -5.55 24.84 -18.85
N ARG A 95 -4.90 25.26 -19.93
CA ARG A 95 -5.53 25.17 -21.27
C ARG A 95 -5.83 23.74 -21.69
N LEU A 96 -4.87 22.88 -21.44
CA LEU A 96 -5.06 21.46 -21.69
C LEU A 96 -6.18 20.86 -20.87
N ARG A 97 -6.25 21.18 -19.59
CA ARG A 97 -7.32 20.69 -18.79
C ARG A 97 -8.68 21.07 -19.35
N GLU A 98 -8.85 22.36 -19.66
CA GLU A 98 -10.15 22.75 -20.15
C GLU A 98 -10.52 22.20 -21.53
N GLN A 99 -9.57 22.13 -22.45
N GLN A 99 -9.57 22.14 -22.45
CA GLN A 99 -9.88 21.61 -23.78
CA GLN A 99 -9.88 21.61 -23.78
C GLN A 99 -10.01 20.11 -23.76
C GLN A 99 -10.02 20.10 -23.76
N GLY A 100 -9.21 19.45 -22.92
CA GLY A 100 -9.23 17.97 -22.82
C GLY A 100 -10.49 17.43 -22.18
N GLY A 101 -11.03 18.18 -21.23
CA GLY A 101 -12.30 17.86 -20.65
C GLY A 101 -13.39 17.58 -21.68
N ALA A 102 -13.47 18.40 -22.74
CA ALA A 102 -14.50 18.23 -23.74
C ALA A 102 -14.27 16.98 -24.57
N VAL A 103 -13.01 16.71 -24.89
CA VAL A 103 -12.60 15.52 -25.57
C VAL A 103 -12.96 14.22 -24.80
N LEU A 104 -12.63 14.21 -23.54
CA LEU A 104 -12.93 13.09 -22.67
C LEU A 104 -14.43 12.87 -22.47
N ARG A 105 -15.19 13.94 -22.35
CA ARG A 105 -16.68 13.81 -22.24
C ARG A 105 -17.29 13.11 -23.45
N GLN A 106 -16.90 13.54 -24.64
CA GLN A 106 -17.40 12.90 -25.85
C GLN A 106 -16.98 11.42 -25.99
N ALA A 107 -15.71 11.14 -25.76
CA ALA A 107 -15.16 9.82 -25.86
C ALA A 107 -15.77 8.87 -24.83
N ARG A 108 -15.94 9.35 -23.63
CA ARG A 108 -16.53 8.48 -22.65
C ARG A 108 -17.94 8.06 -23.08
N ARG A 109 -18.73 9.01 -23.61
N ARG A 109 -18.73 9.00 -23.60
CA ARG A 109 -20.06 8.67 -24.13
CA ARG A 109 -20.07 8.68 -24.09
C ARG A 109 -20.03 7.55 -25.15
C ARG A 109 -20.04 7.57 -25.15
N GLN A 110 -19.03 7.61 -26.03
CA GLN A 110 -18.89 6.57 -27.00
C GLN A 110 -18.51 5.24 -26.33
N ALA A 111 -17.61 5.25 -25.32
CA ALA A 111 -17.16 4.03 -24.65
C ALA A 111 -18.41 3.40 -24.00
N GLU A 112 -19.32 4.25 -23.48
CA GLU A 112 -20.52 3.73 -22.75
C GLU A 112 -21.50 3.13 -23.73
N LYS A 113 -21.63 3.73 -24.91
CA LYS A 113 -22.56 3.27 -25.95
C LYS A 113 -22.10 1.96 -26.57
N MET A 114 -20.80 1.77 -26.59
CA MET A 114 -20.23 0.52 -27.02
C MET A 114 -20.23 -0.19 -25.71
N GLY A 115 -19.98 -1.47 -25.62
CA GLY A 115 -20.11 -2.01 -24.24
C GLY A 115 -18.85 -1.84 -23.40
N ILE A 116 -18.09 -0.73 -23.54
CA ILE A 116 -16.61 -0.75 -23.22
C ILE A 116 -15.99 0.30 -22.27
N ASP A 117 -16.80 1.16 -21.63
CA ASP A 117 -16.23 2.14 -20.72
C ASP A 117 -15.63 1.50 -19.48
N GLY B 1 -5.01 -7.27 3.92
CA GLY B 1 -5.21 -7.71 5.34
C GLY B 1 -6.53 -8.47 5.49
N PRO B 2 -6.78 -9.08 6.68
CA PRO B 2 -8.03 -9.81 6.86
C PRO B 2 -9.21 -8.83 6.76
N LEU B 3 -10.38 -9.30 6.38
CA LEU B 3 -11.50 -8.41 6.24
C LEU B 3 -12.82 -9.11 6.54
N GLN B 4 -13.43 -8.77 7.70
CA GLN B 4 -14.65 -9.42 8.12
C GLN B 4 -15.89 -8.59 7.72
N LEU B 5 -16.77 -9.21 6.99
CA LEU B 5 -17.96 -8.49 6.42
C LEU B 5 -19.24 -8.98 7.11
N THR B 6 -19.68 -8.24 8.13
CA THR B 6 -20.97 -8.45 8.80
C THR B 6 -21.68 -7.09 8.79
N PRO B 7 -22.98 -7.09 8.91
CA PRO B 7 -23.69 -5.79 8.78
C PRO B 7 -23.27 -4.85 9.90
N PHE B 8 -23.02 -5.40 11.10
CA PHE B 8 -22.57 -4.55 12.22
C PHE B 8 -21.20 -3.89 11.93
N LEU B 9 -20.23 -4.65 11.44
CA LEU B 9 -18.89 -4.11 11.15
C LEU B 9 -18.97 -3.15 9.93
N ILE B 10 -19.87 -3.43 9.01
CA ILE B 10 -20.09 -2.43 7.86
C ILE B 10 -20.62 -1.06 8.37
N LEU B 11 -21.58 -1.13 9.32
CA LEU B 11 -22.16 0.06 9.94
C LEU B 11 -21.09 0.82 10.77
N LEU B 12 -20.26 0.07 11.51
CA LEU B 12 -19.17 0.74 12.28
C LEU B 12 -18.15 1.42 11.37
N ARG B 13 -17.84 0.81 10.24
CA ARG B 13 -16.88 1.41 9.29
C ARG B 13 -17.38 2.70 8.73
N LYS B 14 -18.63 2.70 8.29
CA LYS B 14 -19.27 3.94 7.91
C LYS B 14 -19.27 4.98 8.97
N THR B 15 -19.74 4.64 10.18
CA THR B 15 -19.85 5.60 11.24
C THR B 15 -18.45 6.15 11.59
N LEU B 16 -17.42 5.30 11.61
CA LEU B 16 -16.12 5.75 12.02
C LEU B 16 -15.63 6.77 10.99
N GLU B 17 -15.84 6.49 9.72
N GLU B 17 -15.83 6.49 9.72
CA GLU B 17 -15.45 7.46 8.68
CA GLU B 17 -15.44 7.44 8.65
C GLU B 17 -16.20 8.78 8.79
C GLU B 17 -16.21 8.77 8.76
N GLN B 18 -17.50 8.71 9.09
CA GLN B 18 -18.30 9.89 9.40
C GLN B 18 -17.79 10.69 10.62
N LEU B 19 -17.37 10.00 11.68
CA LEU B 19 -16.73 10.71 12.81
C LEU B 19 -15.38 11.38 12.46
N GLN B 20 -14.53 10.66 11.75
CA GLN B 20 -13.20 11.17 11.38
CA GLN B 20 -13.20 11.13 11.44
C GLN B 20 -13.31 12.37 10.48
N GLU B 21 -14.36 12.41 9.68
CA GLU B 21 -14.60 13.53 8.78
C GLU B 21 -14.89 14.85 9.53
N LYS B 22 -15.40 14.73 10.74
CA LYS B 22 -15.59 15.90 11.57
C LYS B 22 -14.27 16.46 12.19
N ASP B 23 -13.24 15.63 12.32
CA ASP B 23 -11.94 16.04 12.86
C ASP B 23 -11.21 16.62 11.67
N THR B 24 -11.51 17.90 11.37
CA THR B 24 -10.98 18.53 10.19
C THR B 24 -9.44 18.76 10.30
N GLY B 25 -8.96 18.91 11.52
CA GLY B 25 -7.50 19.08 11.74
C GLY B 25 -6.67 17.84 11.86
N ASN B 26 -7.29 16.67 11.79
CA ASN B 26 -6.62 15.35 12.07
C ASN B 26 -5.94 15.27 13.44
N ILE B 27 -6.49 16.00 14.40
CA ILE B 27 -5.92 16.11 15.70
C ILE B 27 -6.02 14.76 16.37
N PHE B 28 -7.10 14.01 16.11
CA PHE B 28 -7.41 12.81 16.86
C PHE B 28 -7.03 11.51 16.07
N SER B 29 -6.36 11.66 14.93
CA SER B 29 -6.16 10.58 13.98
CA SER B 29 -6.15 10.54 13.98
C SER B 29 -5.24 9.46 14.54
N GLU B 30 -4.30 9.82 15.41
CA GLU B 30 -3.27 8.96 15.92
C GLU B 30 -3.12 9.05 17.45
N PRO B 31 -2.50 8.02 18.07
CA PRO B 31 -2.21 8.12 19.52
C PRO B 31 -1.45 9.39 19.85
N VAL B 32 -1.80 10.05 20.94
CA VAL B 32 -0.95 11.11 21.49
C VAL B 32 0.41 10.47 21.78
N PRO B 33 1.53 11.08 21.34
CA PRO B 33 2.86 10.45 21.41
C PRO B 33 3.41 10.68 22.79
N LEU B 34 3.47 9.59 23.58
CA LEU B 34 3.93 9.66 24.96
C LEU B 34 5.36 10.16 25.03
N SER B 35 6.12 9.95 23.97
CA SER B 35 7.52 10.35 23.94
C SER B 35 7.61 11.84 23.89
N GLU B 36 6.64 12.51 23.29
CA GLU B 36 6.58 13.94 23.18
C GLU B 36 5.77 14.57 24.32
N VAL B 37 4.91 13.79 24.97
CA VAL B 37 4.00 14.31 25.99
C VAL B 37 4.12 13.45 27.23
N PRO B 38 5.26 13.54 27.95
CA PRO B 38 5.62 12.46 28.93
C PRO B 38 4.74 12.46 30.19
N ASP B 39 3.95 13.51 30.41
CA ASP B 39 3.04 13.55 31.56
C ASP B 39 1.59 13.17 31.17
N TYR B 40 1.39 12.75 29.94
CA TYR B 40 0.02 12.43 29.50
C TYR B 40 -0.69 11.35 30.33
N LEU B 41 0.02 10.26 30.62
CA LEU B 41 -0.57 9.17 31.42
C LEU B 41 -0.71 9.50 32.89
N ASP B 42 -0.08 10.55 33.33
CA ASP B 42 -0.26 11.05 34.73
C ASP B 42 -1.72 11.54 34.93
N HIS B 43 -2.38 11.90 33.83
CA HIS B 43 -3.73 12.48 33.82
C HIS B 43 -4.76 11.55 33.19
N ILE B 44 -4.33 10.74 32.20
CA ILE B 44 -5.25 9.99 31.36
C ILE B 44 -5.08 8.52 31.59
N LYS B 45 -6.15 7.90 32.08
CA LYS B 45 -6.09 6.49 32.36
C LYS B 45 -6.03 5.61 31.09
N LYS B 46 -6.79 5.94 30.07
CA LYS B 46 -6.93 5.15 28.87
C LYS B 46 -6.97 6.05 27.62
N PRO B 47 -5.79 6.29 27.02
CA PRO B 47 -5.74 7.03 25.77
C PRO B 47 -6.64 6.40 24.73
N MET B 48 -7.16 7.22 23.80
CA MET B 48 -7.82 6.71 22.67
C MET B 48 -7.59 7.63 21.47
N ASP B 49 -7.77 7.10 20.29
CA ASP B 49 -7.60 7.87 19.00
C ASP B 49 -8.28 7.09 17.89
N PHE B 50 -8.46 7.72 16.73
CA PHE B 50 -9.17 7.06 15.67
C PHE B 50 -8.45 5.87 15.00
N PHE B 51 -7.13 5.84 14.94
CA PHE B 51 -6.35 4.72 14.38
C PHE B 51 -6.54 3.52 15.25
N THR B 52 -6.48 3.74 16.56
CA THR B 52 -6.81 2.67 17.47
C THR B 52 -8.22 2.12 17.37
N MET B 53 -9.20 2.99 17.25
CA MET B 53 -10.55 2.58 17.01
C MET B 53 -10.70 1.74 15.77
N LYS B 54 -10.05 2.16 14.66
CA LYS B 54 -10.13 1.40 13.45
C LYS B 54 -9.58 -0.04 13.66
N GLN B 55 -8.49 -0.16 14.38
CA GLN B 55 -7.89 -1.45 14.56
C GLN B 55 -8.80 -2.28 15.44
N ASN B 56 -9.39 -1.70 16.48
CA ASN B 56 -10.38 -2.44 17.31
C ASN B 56 -11.56 -2.97 16.47
N LEU B 57 -12.13 -2.09 15.68
CA LEU B 57 -13.18 -2.44 14.75
C LEU B 57 -12.84 -3.67 13.89
N GLU B 58 -11.70 -3.57 13.17
CA GLU B 58 -11.27 -4.64 12.26
C GLU B 58 -10.97 -5.98 12.97
N ALA B 59 -10.51 -5.92 14.23
CA ALA B 59 -10.21 -7.07 15.05
C ALA B 59 -11.47 -7.65 15.69
N TYR B 60 -12.63 -7.03 15.46
CA TYR B 60 -13.90 -7.52 16.11
C TYR B 60 -13.83 -7.36 17.63
N ARG B 61 -13.11 -6.36 18.10
CA ARG B 61 -13.09 -5.99 19.53
C ARG B 61 -14.33 -5.14 19.97
N TYR B 62 -15.07 -4.57 19.03
CA TYR B 62 -16.36 -3.93 19.33
C TYR B 62 -17.42 -4.93 18.98
N LEU B 63 -18.14 -5.35 20.02
CA LEU B 63 -19.23 -6.30 19.84
C LEU B 63 -20.62 -5.70 19.89
N ASN B 64 -20.71 -4.47 20.31
CA ASN B 64 -21.99 -3.76 20.27
C ASN B 64 -21.72 -2.32 20.16
N PHE B 65 -22.75 -1.54 19.93
CA PHE B 65 -22.56 -0.11 19.58
C PHE B 65 -22.05 0.66 20.77
N ASP B 66 -22.54 0.29 21.99
CA ASP B 66 -22.08 0.99 23.13
C ASP B 66 -20.56 1.00 23.28
N ASP B 67 -19.92 -0.17 23.04
CA ASP B 67 -18.47 -0.39 23.10
C ASP B 67 -17.77 0.69 22.23
N PHE B 68 -18.32 0.83 21.03
CA PHE B 68 -17.75 1.71 20.01
C PHE B 68 -17.91 3.13 20.48
N GLU B 69 -19.14 3.51 20.89
CA GLU B 69 -19.42 4.88 21.29
C GLU B 69 -18.60 5.32 22.50
N GLU B 70 -18.31 4.38 23.41
CA GLU B 70 -17.53 4.66 24.59
C GLU B 70 -16.10 5.03 24.27
N ASP B 71 -15.53 4.42 23.26
CA ASP B 71 -14.18 4.83 22.81
C ASP B 71 -14.16 6.16 22.08
N PHE B 72 -15.20 6.49 21.31
CA PHE B 72 -15.30 7.89 20.76
C PHE B 72 -15.34 8.86 21.91
N ASN B 73 -16.18 8.58 22.87
CA ASN B 73 -16.35 9.47 23.93
C ASN B 73 -15.03 9.67 24.70
N LEU B 74 -14.18 8.66 24.78
CA LEU B 74 -12.85 8.81 25.42
C LEU B 74 -11.96 9.74 24.65
N ILE B 75 -11.96 9.68 23.33
CA ILE B 75 -11.19 10.60 22.53
C ILE B 75 -11.47 12.02 22.88
N VAL B 76 -12.74 12.32 23.02
CA VAL B 76 -13.15 13.60 23.40
C VAL B 76 -12.84 13.93 24.87
N SER B 77 -13.31 13.09 25.76
CA SER B 77 -13.16 13.37 27.19
C SER B 77 -11.69 13.42 27.65
N ASN B 78 -10.87 12.53 27.15
CA ASN B 78 -9.40 12.64 27.40
C ASN B 78 -8.81 13.99 27.00
N CYS B 79 -9.20 14.47 25.82
CA CYS B 79 -8.70 15.75 25.29
C CYS B 79 -9.11 16.90 26.17
N LEU B 80 -10.36 16.89 26.59
CA LEU B 80 -10.92 17.97 27.38
C LEU B 80 -10.32 17.98 28.79
N LYS B 81 -9.93 16.79 29.30
CA LYS B 81 -9.27 16.65 30.65
C LYS B 81 -7.80 17.10 30.61
N TYR B 82 -7.04 16.67 29.57
CA TYR B 82 -5.63 16.94 29.51
C TYR B 82 -5.32 18.42 29.14
N ASN B 83 -6.06 18.96 28.14
CA ASN B 83 -5.72 20.22 27.57
C ASN B 83 -6.48 21.38 28.19
N ALA B 84 -5.82 22.49 28.39
CA ALA B 84 -6.44 23.72 28.87
C ALA B 84 -7.51 24.19 27.96
N LYS B 85 -8.50 24.84 28.57
CA LYS B 85 -9.65 25.33 27.84
C LYS B 85 -9.30 26.25 26.67
N ASP B 86 -8.23 27.04 26.76
CA ASP B 86 -7.97 27.98 25.68
C ASP B 86 -7.22 27.43 24.54
N THR B 87 -6.86 26.14 24.61
CA THR B 87 -6.02 25.52 23.59
C THR B 87 -6.80 25.16 22.34
N ILE B 88 -6.11 25.07 21.19
CA ILE B 88 -6.80 24.62 20.01
C ILE B 88 -7.28 23.19 20.21
N PHE B 89 -6.55 22.39 20.99
CA PHE B 89 -6.92 20.98 21.15
C PHE B 89 -8.25 20.82 21.90
N TYR B 90 -8.41 21.58 23.02
CA TYR B 90 -9.65 21.57 23.76
C TYR B 90 -10.79 22.03 22.86
N ARG B 91 -10.57 23.14 22.12
CA ARG B 91 -11.60 23.66 21.27
C ARG B 91 -12.00 22.70 20.17
N ALA B 92 -11.00 21.98 19.62
CA ALA B 92 -11.22 20.91 18.62
C ALA B 92 -12.10 19.78 19.16
N ALA B 93 -11.87 19.44 20.43
CA ALA B 93 -12.63 18.34 21.07
C ALA B 93 -14.03 18.75 21.30
N VAL B 94 -14.27 19.98 21.67
CA VAL B 94 -15.65 20.51 21.79
C VAL B 94 -16.42 20.44 20.48
N ARG B 95 -15.78 20.84 19.40
CA ARG B 95 -16.38 20.69 18.09
C ARG B 95 -16.68 19.29 17.68
N LEU B 96 -15.71 18.37 17.92
CA LEU B 96 -15.91 17.02 17.65
C LEU B 96 -17.04 16.46 18.45
N ARG B 97 -17.09 16.77 19.74
CA ARG B 97 -18.18 16.27 20.54
C ARG B 97 -19.51 16.67 19.96
N GLU B 98 -19.68 17.92 19.65
CA GLU B 98 -21.00 18.33 19.20
C GLU B 98 -21.37 17.79 17.79
N GLN B 99 -20.43 17.74 16.88
CA GLN B 99 -20.72 17.19 15.56
CA GLN B 99 -20.72 17.21 15.56
C GLN B 99 -20.84 15.67 15.57
N GLY B 100 -19.99 15.02 16.37
CA GLY B 100 -20.01 13.54 16.49
C GLY B 100 -21.30 13.03 17.11
N GLY B 101 -21.85 13.80 18.05
CA GLY B 101 -23.13 13.47 18.67
C GLY B 101 -24.20 13.17 17.65
N ALA B 102 -24.31 14.00 16.61
CA ALA B 102 -25.32 13.81 15.62
C ALA B 102 -25.05 12.51 14.81
N VAL B 103 -23.79 12.27 14.45
CA VAL B 103 -23.40 11.05 13.74
C VAL B 103 -23.76 9.79 14.51
N LEU B 104 -23.45 9.78 15.80
CA LEU B 104 -23.65 8.65 16.62
C LEU B 104 -25.13 8.41 16.83
N ARG B 105 -25.91 9.47 16.96
CA ARG B 105 -27.37 9.28 17.15
C ARG B 105 -28.00 8.59 15.95
N GLN B 106 -27.64 9.06 14.76
CA GLN B 106 -28.10 8.42 13.54
C GLN B 106 -27.69 6.96 13.37
N ALA B 107 -26.43 6.70 13.57
CA ALA B 107 -25.89 5.37 13.47
C ALA B 107 -26.48 4.44 14.51
N ARG B 108 -26.61 4.90 15.70
CA ARG B 108 -27.23 4.01 16.71
C ARG B 108 -28.62 3.60 16.33
N ARG B 109 -29.40 4.54 15.81
CA ARG B 109 -30.75 4.15 15.30
C ARG B 109 -30.73 3.06 14.20
N GLN B 110 -29.74 3.13 13.30
CA GLN B 110 -29.60 2.10 12.33
C GLN B 110 -29.16 0.77 12.99
N ALA B 111 -28.30 0.80 13.99
CA ALA B 111 -27.85 -0.43 14.68
C ALA B 111 -29.08 -1.07 15.32
N GLU B 112 -29.98 -0.26 15.88
CA GLU B 112 -31.20 -0.80 16.54
C GLU B 112 -32.18 -1.39 15.56
N LYS B 113 -32.32 -0.74 14.40
CA LYS B 113 -33.26 -1.20 13.33
C LYS B 113 -32.80 -2.49 12.71
N MET B 114 -31.49 -2.72 12.75
CA MET B 114 -30.92 -3.97 12.26
C MET B 114 -30.79 -5.05 13.31
N GLY B 115 -31.21 -4.81 14.54
CA GLY B 115 -31.13 -5.83 15.58
C GLY B 115 -29.70 -6.13 15.97
N ILE B 116 -28.81 -5.15 15.74
CA ILE B 116 -27.33 -5.26 16.01
C ILE B 116 -26.71 -4.22 16.99
N ASP B 117 -27.53 -3.36 17.62
CA ASP B 117 -26.96 -2.37 18.52
C ASP B 117 -26.31 -2.99 19.75
N GLY C 1 3.57 6.51 8.90
CA GLY C 1 2.85 6.65 10.20
C GLY C 1 3.75 7.28 11.25
N PRO C 2 3.17 7.59 12.46
CA PRO C 2 4.00 8.16 13.54
C PRO C 2 5.06 7.13 13.94
N LEU C 3 6.20 7.58 14.47
CA LEU C 3 7.27 6.66 14.81
C LEU C 3 8.07 7.17 16.03
N GLN C 4 7.88 6.49 17.17
CA GLN C 4 8.55 6.90 18.36
C GLN C 4 9.82 6.13 18.61
N LEU C 5 10.93 6.86 18.74
CA LEU C 5 12.25 6.20 18.88
C LEU C 5 12.74 6.38 20.33
N THR C 6 12.59 5.34 21.16
CA THR C 6 13.19 5.26 22.52
C THR C 6 13.90 3.88 22.62
N PRO C 7 14.95 3.74 23.41
CA PRO C 7 15.65 2.45 23.52
C PRO C 7 14.68 1.29 23.92
N PHE C 8 13.72 1.57 24.76
CA PHE C 8 12.74 0.56 25.12
C PHE C 8 11.88 0.09 23.93
N LEU C 9 11.35 0.99 23.13
CA LEU C 9 10.53 0.67 21.98
C LEU C 9 11.37 0.01 20.89
N ILE C 10 12.62 0.44 20.76
CA ILE C 10 13.56 -0.26 19.83
C ILE C 10 13.83 -1.75 20.23
N LEU C 11 13.93 -1.99 21.52
CA LEU C 11 14.06 -3.33 22.04
C LEU C 11 12.83 -4.16 21.83
N LEU C 12 11.67 -3.57 22.08
CA LEU C 12 10.39 -4.30 21.89
C LEU C 12 10.16 -4.62 20.41
N ARG C 13 10.58 -3.75 19.54
CA ARG C 13 10.53 -4.03 18.07
C ARG C 13 11.37 -5.21 17.66
N LYS C 14 12.64 -5.22 18.07
CA LYS C 14 13.50 -6.36 17.88
C LYS C 14 12.86 -7.62 18.41
N THR C 15 12.46 -7.58 19.69
CA THR C 15 11.95 -8.77 20.34
C THR C 15 10.74 -9.31 19.65
N LEU C 16 9.85 -8.41 19.24
CA LEU C 16 8.58 -8.82 18.65
C LEU C 16 8.85 -9.52 17.31
N GLU C 17 9.76 -8.95 16.52
N GLU C 17 9.76 -8.97 16.52
CA GLU C 17 10.20 -9.63 15.28
CA GLU C 17 10.20 -9.68 15.28
C GLU C 17 10.88 -11.01 15.52
C GLU C 17 10.86 -11.04 15.53
N GLN C 18 11.69 -11.12 16.56
CA GLN C 18 12.24 -12.42 17.01
C GLN C 18 11.14 -13.40 17.41
N LEU C 19 10.11 -12.93 18.09
CA LEU C 19 8.99 -13.85 18.41
C LEU C 19 8.26 -14.31 17.17
N GLN C 20 7.94 -13.38 16.27
CA GLN C 20 7.12 -13.68 15.09
CA GLN C 20 7.11 -13.66 15.16
C GLN C 20 7.86 -14.65 14.23
N GLU C 21 9.19 -14.58 14.23
CA GLU C 21 10.00 -15.43 13.43
C GLU C 21 9.86 -16.91 13.84
N LYS C 22 9.47 -17.16 15.11
CA LYS C 22 9.24 -18.46 15.56
C LYS C 22 7.92 -19.01 15.12
N ASP C 23 6.97 -18.17 14.75
CA ASP C 23 5.65 -18.62 14.24
C ASP C 23 5.80 -18.84 12.75
N THR C 24 6.39 -20.00 12.41
CA THR C 24 6.74 -20.29 11.02
C THR C 24 5.49 -20.40 10.14
N GLY C 25 4.36 -20.82 10.73
CA GLY C 25 3.10 -20.87 9.95
C GLY C 25 2.29 -19.63 9.83
N ASN C 26 2.74 -18.53 10.45
CA ASN C 26 1.93 -17.28 10.57
C ASN C 26 0.54 -17.49 11.20
N ILE C 27 0.43 -18.56 12.01
CA ILE C 27 -0.79 -18.88 12.69
C ILE C 27 -1.26 -17.73 13.60
N PHE C 28 -0.32 -17.03 14.20
CA PHE C 28 -0.63 -16.09 15.29
C PHE C 28 -0.52 -14.62 14.74
N SER C 29 -0.36 -14.42 13.43
CA SER C 29 -0.05 -13.13 12.85
CA SER C 29 -0.07 -13.12 12.83
C SER C 29 -1.20 -12.10 12.98
N GLU C 30 -2.44 -12.59 12.95
N GLU C 30 -2.43 -12.59 12.94
CA GLU C 30 -3.65 -11.80 12.94
CA GLU C 30 -3.64 -11.78 12.89
C GLU C 30 -4.67 -12.24 13.99
C GLU C 30 -4.70 -12.25 13.93
N PRO C 31 -5.62 -11.37 14.30
CA PRO C 31 -6.72 -11.78 15.22
C PRO C 31 -7.48 -12.96 14.69
N VAL C 32 -7.78 -13.89 15.57
CA VAL C 32 -8.69 -14.99 15.18
C VAL C 32 -10.01 -14.35 14.73
N PRO C 33 -10.56 -14.75 13.56
CA PRO C 33 -11.77 -14.02 12.98
C PRO C 33 -13.01 -14.56 13.63
N LEU C 34 -13.62 -13.74 14.49
CA LEU C 34 -14.81 -14.11 15.26
C LEU C 34 -15.94 -14.48 14.29
N SER C 35 -15.95 -13.89 13.09
CA SER C 35 -16.98 -14.18 12.13
C SER C 35 -16.87 -15.62 11.65
N GLU C 36 -15.69 -16.20 11.65
CA GLU C 36 -15.47 -17.56 11.26
C GLU C 36 -15.49 -18.52 12.45
N VAL C 37 -15.26 -18.00 13.67
CA VAL C 37 -15.07 -18.83 14.86
C VAL C 37 -15.99 -18.30 15.90
N PRO C 38 -17.31 -18.48 15.70
CA PRO C 38 -18.30 -17.69 16.47
C PRO C 38 -18.38 -18.08 17.94
N ASP C 39 -17.79 -19.21 18.34
CA ASP C 39 -17.77 -19.58 19.78
C ASP C 39 -16.44 -19.20 20.46
N TYR C 40 -15.55 -18.48 19.75
CA TYR C 40 -14.22 -18.17 20.34
C TYR C 40 -14.27 -17.40 21.65
N LEU C 41 -15.16 -16.37 21.71
CA LEU C 41 -15.27 -15.60 22.93
C LEU C 41 -16.04 -16.27 24.07
N ASP C 42 -16.70 -17.35 23.77
CA ASP C 42 -17.31 -18.17 24.81
C ASP C 42 -16.26 -18.78 25.74
N HIS C 43 -15.03 -18.88 25.26
CA HIS C 43 -13.94 -19.52 25.95
C HIS C 43 -12.84 -18.54 26.32
N ILE C 44 -12.64 -17.50 25.48
CA ILE C 44 -11.45 -16.69 25.57
C ILE C 44 -11.88 -15.26 25.95
N LYS C 45 -11.39 -14.81 27.10
CA LYS C 45 -11.72 -13.49 27.61
C LYS C 45 -11.02 -12.38 26.86
N LYS C 46 -9.74 -12.57 26.51
CA LYS C 46 -8.95 -11.52 25.83
C LYS C 46 -8.09 -12.10 24.71
N PRO C 47 -8.63 -12.08 23.46
CA PRO C 47 -7.87 -12.50 22.31
C PRO C 47 -6.60 -11.74 22.18
N MET C 48 -5.56 -12.38 21.60
CA MET C 48 -4.34 -11.63 21.32
C MET C 48 -3.73 -12.21 20.07
N ASP C 49 -2.89 -11.43 19.41
CA ASP C 49 -2.20 -11.82 18.17
C ASP C 49 -1.05 -10.86 17.88
N PHE C 50 -0.19 -11.18 16.93
CA PHE C 50 1.02 -10.41 16.79
C PHE C 50 0.76 -9.00 16.12
N PHE C 51 -0.22 -8.87 15.25
CA PHE C 51 -0.63 -7.57 14.66
C PHE C 51 -1.10 -6.63 15.79
N THR C 52 -1.98 -7.12 16.64
CA THR C 52 -2.39 -6.35 17.81
C THR C 52 -1.18 -5.94 18.68
N MET C 53 -0.24 -6.85 18.95
CA MET C 53 0.95 -6.50 19.72
C MET C 53 1.74 -5.41 19.08
N LYS C 54 1.93 -5.51 17.75
CA LYS C 54 2.64 -4.48 17.12
C LYS C 54 1.98 -3.12 17.26
N GLN C 55 0.70 -3.07 17.13
CA GLN C 55 -0.03 -1.79 17.25
C GLN C 55 0.06 -1.23 18.66
N ASN C 56 -0.09 -2.07 19.67
CA ASN C 56 0.10 -1.70 21.07
C ASN C 56 1.53 -1.07 21.27
N LEU C 57 2.53 -1.77 20.78
CA LEU C 57 3.93 -1.30 20.85
C LEU C 57 4.06 0.12 20.30
N GLU C 58 3.59 0.31 19.06
CA GLU C 58 3.76 1.58 18.33
C GLU C 58 2.98 2.71 18.98
N ALA C 59 1.81 2.38 19.58
CA ALA C 59 1.04 3.38 20.37
C ALA C 59 1.61 3.72 21.72
N TYR C 60 2.73 3.08 22.14
CA TYR C 60 3.24 3.24 23.50
C TYR C 60 2.32 2.72 24.56
N ARG C 61 1.56 1.68 24.25
CA ARG C 61 0.72 0.98 25.27
C ARG C 61 1.45 -0.08 26.13
N TYR C 62 2.65 -0.48 25.75
CA TYR C 62 3.54 -1.27 26.59
C TYR C 62 4.54 -0.30 27.22
N LEU C 63 4.45 -0.20 28.54
CA LEU C 63 5.32 0.71 29.29
C LEU C 63 6.44 -0.03 30.03
N ASN C 64 6.34 -1.34 30.12
CA ASN C 64 7.39 -2.12 30.66
C ASN C 64 7.38 -3.46 30.05
N PHE C 65 8.39 -4.27 30.36
CA PHE C 65 8.53 -5.57 29.69
C PHE C 65 7.44 -6.56 30.08
N ASP C 66 7.06 -6.55 31.36
CA ASP C 66 6.09 -7.43 31.81
C ASP C 66 4.80 -7.34 31.05
N ASP C 67 4.37 -6.13 30.73
CA ASP C 67 3.13 -6.00 29.99
C ASP C 67 3.21 -6.53 28.54
N PHE C 68 4.37 -6.39 27.91
CA PHE C 68 4.63 -6.98 26.60
C PHE C 68 4.60 -8.53 26.71
N GLU C 69 5.34 -9.09 27.68
CA GLU C 69 5.41 -10.51 27.85
C GLU C 69 4.06 -11.15 28.09
N GLU C 70 3.24 -10.46 28.87
CA GLU C 70 1.91 -10.93 29.23
C GLU C 70 1.11 -11.14 27.97
N ASP C 71 1.18 -10.19 27.05
CA ASP C 71 0.40 -10.36 25.80
C ASP C 71 0.94 -11.52 24.90
N PHE C 72 2.22 -11.73 24.85
CA PHE C 72 2.75 -12.95 24.18
C PHE C 72 2.24 -14.20 24.81
N ASN C 73 2.24 -14.19 26.12
CA ASN C 73 1.75 -15.31 26.82
C ASN C 73 0.31 -15.58 26.53
N LEU C 74 -0.48 -14.56 26.30
CA LEU C 74 -1.86 -14.77 25.97
C LEU C 74 -2.03 -15.41 24.63
N ILE C 75 -1.23 -14.98 23.66
CA ILE C 75 -1.26 -15.62 22.36
C ILE C 75 -1.18 -17.13 22.53
N VAL C 76 -0.25 -17.57 23.36
CA VAL C 76 -0.03 -18.99 23.60
C VAL C 76 -1.14 -19.62 24.40
N SER C 77 -1.42 -19.03 25.55
CA SER C 77 -2.40 -19.64 26.44
C SER C 77 -3.84 -19.67 25.88
N ASN C 78 -4.24 -18.64 25.13
CA ASN C 78 -5.51 -18.68 24.45
C ASN C 78 -5.60 -19.85 23.54
N CYS C 79 -4.50 -20.08 22.73
CA CYS C 79 -4.48 -21.12 21.73
C CYS C 79 -4.56 -22.50 22.35
N LEU C 80 -3.91 -22.67 23.47
CA LEU C 80 -3.89 -23.95 24.17
C LEU C 80 -5.24 -24.23 24.84
N LYS C 81 -5.91 -23.16 25.25
CA LYS C 81 -7.28 -23.28 25.89
C LYS C 81 -8.39 -23.56 24.87
N TYR C 82 -8.34 -22.89 23.71
CA TYR C 82 -9.41 -23.01 22.76
C TYR C 82 -9.33 -24.30 21.91
N ASN C 83 -8.10 -24.65 21.51
CA ASN C 83 -7.94 -25.73 20.54
C ASN C 83 -7.62 -27.07 21.19
N ALA C 84 -8.18 -28.12 20.63
CA ALA C 84 -7.89 -29.48 21.08
C ALA C 84 -6.44 -29.82 20.93
N LYS C 85 -5.98 -30.65 21.85
CA LYS C 85 -4.56 -31.05 21.91
C LYS C 85 -4.04 -31.62 20.59
N ASP C 86 -4.86 -32.29 19.81
CA ASP C 86 -4.31 -32.91 18.58
C ASP C 86 -4.32 -32.02 17.38
N THR C 87 -4.77 -30.77 17.53
CA THR C 87 -4.83 -29.88 16.37
C THR C 87 -3.49 -29.25 16.01
N ILE C 88 -3.31 -28.85 14.75
CA ILE C 88 -2.08 -28.14 14.40
C ILE C 88 -1.92 -26.87 15.23
N PHE C 89 -3.02 -26.22 15.58
CA PHE C 89 -2.94 -24.96 16.24
C PHE C 89 -2.41 -25.08 17.68
N TYR C 90 -2.88 -26.13 18.40
CA TYR C 90 -2.35 -26.43 19.72
C TYR C 90 -0.88 -26.78 19.66
N ARG C 91 -0.51 -27.60 18.68
CA ARG C 91 0.83 -27.98 18.56
C ARG C 91 1.73 -26.76 18.22
N ALA C 92 1.22 -25.89 17.34
CA ALA C 92 1.96 -24.66 16.98
C ALA C 92 2.22 -23.77 18.22
N ALA C 93 1.26 -23.74 19.12
CA ALA C 93 1.36 -22.92 20.31
C ALA C 93 2.38 -23.49 21.27
N VAL C 94 2.44 -24.82 21.39
CA VAL C 94 3.49 -25.47 22.17
C VAL C 94 4.87 -25.08 21.67
N ARG C 95 5.07 -25.16 20.36
CA ARG C 95 6.33 -24.79 19.79
C ARG C 95 6.70 -23.34 20.01
N LEU C 96 5.73 -22.46 19.79
CA LEU C 96 5.91 -21.10 20.03
C LEU C 96 6.25 -20.81 21.49
N ARG C 97 5.54 -21.42 22.41
CA ARG C 97 5.87 -21.22 23.81
C ARG C 97 7.32 -21.61 24.14
N GLU C 98 7.78 -22.73 23.63
CA GLU C 98 9.11 -23.15 23.97
C GLU C 98 10.18 -22.28 23.29
N GLN C 99 9.99 -21.92 22.05
CA GLN C 99 10.98 -21.12 21.37
CA GLN C 99 10.98 -21.11 21.39
C GLN C 99 10.94 -19.66 21.84
N GLY C 100 9.74 -19.15 22.09
CA GLY C 100 9.56 -17.78 22.54
C GLY C 100 10.16 -17.53 23.93
N GLY C 101 10.08 -18.53 24.79
CA GLY C 101 10.67 -18.46 26.09
C GLY C 101 12.13 -17.96 26.05
N ALA C 102 12.93 -18.54 25.16
CA ALA C 102 14.33 -18.23 25.05
C ALA C 102 14.49 -16.78 24.58
N VAL C 103 13.69 -16.38 23.59
CA VAL C 103 13.71 -14.99 23.13
C VAL C 103 13.38 -13.96 24.24
N LEU C 104 12.31 -14.21 24.98
CA LEU C 104 11.91 -13.38 26.04
C LEU C 104 12.93 -13.30 27.16
N ARG C 105 13.57 -14.41 27.50
CA ARG C 105 14.58 -14.39 28.55
C ARG C 105 15.77 -13.50 28.19
N GLN C 106 16.25 -13.61 26.95
CA GLN C 106 17.34 -12.73 26.49
C GLN C 106 16.96 -11.23 26.47
N ALA C 107 15.79 -10.95 25.92
CA ALA C 107 15.32 -9.62 25.81
C ALA C 107 15.06 -8.98 27.19
N ARG C 108 14.50 -9.76 28.09
CA ARG C 108 14.27 -9.19 29.42
C ARG C 108 15.57 -8.79 30.09
N ARG C 109 16.60 -9.63 29.97
CA ARG C 109 17.92 -9.23 30.50
C ARG C 109 18.45 -7.91 29.93
N GLN C 110 18.25 -7.70 28.62
CA GLN C 110 18.61 -6.46 28.07
C GLN C 110 17.72 -5.29 28.59
N ALA C 111 16.42 -5.51 28.82
CA ALA C 111 15.50 -4.45 29.29
C ALA C 111 15.95 -4.06 30.74
N GLU C 112 16.42 -5.03 31.49
CA GLU C 112 16.89 -4.74 32.87
C GLU C 112 18.20 -3.96 32.86
N LYS C 113 19.09 -4.31 31.93
CA LYS C 113 20.41 -3.67 31.82
C LYS C 113 20.27 -2.22 31.39
N MET C 114 19.19 -1.92 30.71
CA MET C 114 18.86 -0.54 30.30
C MET C 114 18.02 0.22 31.30
N GLY C 115 17.60 -0.39 32.40
CA GLY C 115 16.72 0.24 33.37
C GLY C 115 15.32 0.25 32.79
N ILE C 116 14.27 -0.25 33.49
CA ILE C 116 12.91 -0.33 32.89
C ILE C 116 12.87 -1.35 31.75
N ASP C 117 13.07 -2.63 32.07
CA ASP C 117 12.51 -3.29 33.22
C ASP C 117 11.00 -3.07 33.18
N GLY D 1 14.39 10.72 -30.41
CA GLY D 1 13.69 10.94 -29.11
C GLY D 1 14.61 11.58 -28.09
N PRO D 2 14.06 11.98 -26.90
CA PRO D 2 14.93 12.52 -25.84
C PRO D 2 15.96 11.47 -25.41
N LEU D 3 17.09 11.91 -24.87
CA LEU D 3 18.14 10.95 -24.53
C LEU D 3 18.93 11.46 -23.32
N GLN D 4 18.77 10.78 -22.20
CA GLN D 4 19.40 11.18 -20.97
C GLN D 4 20.69 10.35 -20.73
N LEU D 5 21.83 11.04 -20.59
CA LEU D 5 23.11 10.42 -20.43
C LEU D 5 23.64 10.61 -18.99
N THR D 6 23.42 9.62 -18.14
CA THR D 6 24.02 9.57 -16.80
C THR D 6 24.70 8.21 -16.70
N PRO D 7 25.75 8.09 -15.89
CA PRO D 7 26.44 6.80 -15.79
C PRO D 7 25.48 5.60 -15.41
N PHE D 8 24.54 5.85 -14.52
CA PHE D 8 23.57 4.81 -14.17
C PHE D 8 22.73 4.37 -15.39
N LEU D 9 22.20 5.29 -16.16
CA LEU D 9 21.35 4.92 -17.31
C LEU D 9 22.22 4.30 -18.40
N ILE D 10 23.47 4.72 -18.50
CA ILE D 10 24.43 4.03 -19.46
C ILE D 10 24.56 2.52 -19.05
N LEU D 11 24.71 2.28 -17.77
CA LEU D 11 24.92 0.91 -17.22
C LEU D 11 23.64 0.08 -17.44
N LEU D 12 22.46 0.70 -17.23
CA LEU D 12 21.19 -0.01 -17.44
C LEU D 12 20.95 -0.33 -18.93
N ARG D 13 21.35 0.57 -19.80
CA ARG D 13 21.28 0.27 -21.25
C ARG D 13 22.12 -0.95 -21.61
N LYS D 14 23.38 -0.95 -21.18
CA LYS D 14 24.27 -2.09 -21.43
C LYS D 14 23.72 -3.37 -20.86
N THR D 15 23.32 -3.35 -19.59
CA THR D 15 22.77 -4.55 -18.95
C THR D 15 21.52 -5.03 -19.70
N LEU D 16 20.61 -4.13 -20.12
CA LEU D 16 19.41 -4.54 -20.74
C LEU D 16 19.71 -5.23 -22.05
N GLU D 17 20.61 -4.66 -22.83
N GLU D 17 20.57 -4.62 -22.85
CA GLU D 17 21.03 -5.33 -24.05
CA GLU D 17 21.04 -5.28 -24.07
C GLU D 17 21.68 -6.69 -23.79
C GLU D 17 21.66 -6.66 -23.78
N GLN D 18 22.52 -6.77 -22.76
CA GLN D 18 23.06 -8.08 -22.33
C GLN D 18 21.98 -9.13 -21.90
N LEU D 19 20.94 -8.70 -21.19
CA LEU D 19 19.80 -9.57 -20.94
C LEU D 19 18.98 -10.00 -22.18
N GLN D 20 18.67 -9.07 -23.06
N GLN D 20 18.56 -9.05 -22.99
CA GLN D 20 17.88 -9.37 -24.27
CA GLN D 20 17.82 -9.38 -24.19
C GLN D 20 18.65 -10.33 -25.17
C GLN D 20 18.61 -10.21 -25.23
N GLU D 21 19.95 -10.23 -25.14
CA GLU D 21 20.79 -11.13 -25.93
C GLU D 21 20.61 -12.60 -25.54
N LYS D 22 20.27 -12.81 -24.28
CA LYS D 22 20.01 -14.19 -23.83
C LYS D 22 18.68 -14.74 -24.33
N ASP D 23 17.76 -13.87 -24.72
CA ASP D 23 16.44 -14.27 -25.17
C ASP D 23 16.58 -14.45 -26.67
N THR D 24 17.14 -15.59 -27.06
CA THR D 24 17.49 -15.87 -28.46
C THR D 24 16.27 -16.00 -29.35
N GLY D 25 15.11 -16.39 -28.80
CA GLY D 25 13.89 -16.42 -29.57
C GLY D 25 13.04 -15.16 -29.68
N ASN D 26 13.46 -14.06 -29.05
CA ASN D 26 12.68 -12.84 -28.90
C ASN D 26 11.29 -13.08 -28.29
N ILE D 27 11.19 -14.10 -27.44
CA ILE D 27 9.94 -14.44 -26.84
C ILE D 27 9.49 -13.34 -25.89
N PHE D 28 10.46 -12.68 -25.24
CA PHE D 28 10.14 -11.71 -24.19
C PHE D 28 10.24 -10.25 -24.69
N SER D 29 10.37 -10.06 -25.99
N SER D 29 10.25 -10.08 -25.99
CA SER D 29 10.71 -8.75 -26.56
CA SER D 29 10.65 -8.80 -26.60
C SER D 29 9.57 -7.74 -26.45
C SER D 29 9.58 -7.77 -26.34
N GLU D 30 8.33 -8.22 -26.47
CA GLU D 30 7.10 -7.38 -26.46
C GLU D 30 6.05 -7.82 -25.42
N PRO D 31 5.11 -6.90 -25.03
CA PRO D 31 4.03 -7.32 -24.20
C PRO D 31 3.29 -8.56 -24.74
N VAL D 32 2.95 -9.48 -23.85
CA VAL D 32 2.01 -10.54 -24.23
C VAL D 32 0.69 -9.89 -24.65
N PRO D 33 0.16 -10.22 -25.85
CA PRO D 33 -0.99 -9.54 -26.41
C PRO D 33 -2.25 -10.05 -25.78
N LEU D 34 -2.86 -9.18 -24.99
CA LEU D 34 -4.11 -9.53 -24.25
C LEU D 34 -5.22 -9.85 -25.19
N SER D 35 -5.18 -9.26 -26.38
CA SER D 35 -6.19 -9.53 -27.40
C SER D 35 -6.11 -10.94 -27.93
N GLU D 36 -4.93 -11.53 -27.95
CA GLU D 36 -4.76 -12.93 -28.32
C GLU D 36 -4.77 -13.89 -27.10
N VAL D 37 -4.56 -13.39 -25.89
CA VAL D 37 -4.42 -14.25 -24.70
C VAL D 37 -5.33 -13.66 -23.63
N PRO D 38 -6.64 -13.79 -23.80
CA PRO D 38 -7.59 -13.02 -23.00
C PRO D 38 -7.65 -13.39 -21.53
N ASP D 39 -7.15 -14.56 -21.16
CA ASP D 39 -7.12 -14.95 -19.72
C ASP D 39 -5.77 -14.61 -19.03
N TYR D 40 -4.86 -13.94 -19.73
CA TYR D 40 -3.54 -13.64 -19.14
C TYR D 40 -3.62 -12.89 -17.80
N LEU D 41 -4.44 -11.84 -17.72
CA LEU D 41 -4.52 -11.05 -16.48
C LEU D 41 -5.30 -11.74 -15.40
N ASP D 42 -5.95 -12.84 -15.71
CA ASP D 42 -6.59 -13.66 -14.67
C ASP D 42 -5.52 -14.11 -13.70
N HIS D 43 -4.36 -14.39 -14.27
CA HIS D 43 -3.28 -15.11 -13.59
C HIS D 43 -2.15 -14.15 -13.20
N ILE D 44 -1.97 -13.07 -13.95
CA ILE D 44 -0.76 -12.22 -13.87
C ILE D 44 -1.12 -10.82 -13.43
N LYS D 45 -0.60 -10.43 -12.27
CA LYS D 45 -0.88 -9.13 -11.70
C LYS D 45 -0.20 -8.00 -12.48
N LYS D 46 1.05 -8.19 -12.89
CA LYS D 46 1.80 -7.11 -13.54
C LYS D 46 2.64 -7.71 -14.67
N PRO D 47 2.12 -7.67 -15.91
CA PRO D 47 2.90 -8.10 -17.07
C PRO D 47 4.22 -7.34 -17.20
N MET D 48 5.16 -7.97 -17.86
CA MET D 48 6.42 -7.25 -18.12
C MET D 48 7.13 -7.88 -19.33
N ASP D 49 7.96 -7.07 -20.02
CA ASP D 49 8.63 -7.48 -21.27
C ASP D 49 9.77 -6.52 -21.49
N PHE D 50 10.68 -6.86 -22.40
CA PHE D 50 11.78 -6.02 -22.63
C PHE D 50 11.52 -4.64 -23.25
N PHE D 51 10.47 -4.49 -24.07
CA PHE D 51 10.17 -3.21 -24.75
C PHE D 51 9.72 -2.27 -23.65
N THR D 52 8.88 -2.78 -22.77
CA THR D 52 8.49 -1.98 -21.62
C THR D 52 9.63 -1.55 -20.74
N MET D 53 10.53 -2.46 -20.42
CA MET D 53 11.70 -2.14 -19.64
C MET D 53 12.56 -1.03 -20.27
N LYS D 54 12.75 -1.13 -21.58
CA LYS D 54 13.46 -0.07 -22.29
C LYS D 54 12.79 1.26 -22.12
N GLN D 55 11.46 1.29 -22.17
CA GLN D 55 10.75 2.59 -22.09
C GLN D 55 10.87 3.13 -20.66
N ASN D 56 10.77 2.24 -19.67
CA ASN D 56 10.98 2.67 -18.30
C ASN D 56 12.40 3.28 -18.09
N LEU D 57 13.40 2.58 -18.59
CA LEU D 57 14.77 3.03 -18.54
C LEU D 57 14.94 4.46 -19.08
N GLU D 58 14.47 4.65 -20.33
CA GLU D 58 14.62 5.91 -21.00
C GLU D 58 13.86 7.05 -20.30
N ALA D 59 12.70 6.76 -19.72
CA ALA D 59 11.90 7.69 -18.97
C ALA D 59 12.48 8.00 -17.56
N TYR D 60 13.56 7.35 -17.17
CA TYR D 60 14.10 7.51 -15.81
C TYR D 60 13.14 7.02 -14.74
N ARG D 61 12.38 5.99 -15.07
CA ARG D 61 11.55 5.28 -14.06
C ARG D 61 12.27 4.23 -13.22
N TYR D 62 13.48 3.82 -13.61
CA TYR D 62 14.36 3.01 -12.77
C TYR D 62 15.38 3.94 -12.12
N LEU D 63 15.29 4.06 -10.81
CA LEU D 63 16.15 4.98 -10.07
C LEU D 63 17.27 4.24 -9.36
N ASN D 64 17.15 2.94 -9.26
CA ASN D 64 18.19 2.12 -8.65
C ASN D 64 18.18 0.79 -9.29
N PHE D 65 19.16 -0.04 -8.98
CA PHE D 65 19.32 -1.33 -9.65
C PHE D 65 18.24 -2.35 -9.25
N ASP D 66 17.85 -2.34 -7.98
CA ASP D 66 16.81 -3.21 -7.54
C ASP D 66 15.54 -3.11 -8.37
N ASP D 67 15.11 -1.86 -8.65
N ASP D 67 15.07 -1.91 -8.68
CA ASP D 67 13.91 -1.50 -9.47
CA ASP D 67 13.79 -1.82 -9.40
C ASP D 67 13.96 -2.22 -10.84
C ASP D 67 13.94 -2.28 -10.87
N PHE D 68 15.12 -2.12 -11.44
CA PHE D 68 15.41 -2.70 -12.77
C PHE D 68 15.35 -4.19 -12.68
N GLU D 69 16.06 -4.75 -11.70
CA GLU D 69 16.11 -6.19 -11.57
C GLU D 69 14.71 -6.82 -11.33
N GLU D 70 13.90 -6.14 -10.55
CA GLU D 70 12.58 -6.63 -10.17
C GLU D 70 11.71 -6.78 -11.39
N ASP D 71 11.83 -5.87 -12.33
CA ASP D 71 11.14 -6.00 -13.63
C ASP D 71 11.66 -7.20 -14.48
N PHE D 72 12.97 -7.42 -14.57
CA PHE D 72 13.51 -8.61 -15.23
C PHE D 72 13.02 -9.91 -14.58
N ASN D 73 13.04 -9.93 -13.28
CA ASN D 73 12.47 -11.04 -12.57
C ASN D 73 11.00 -11.27 -12.86
N LEU D 74 10.21 -10.21 -13.08
CA LEU D 74 8.82 -10.38 -13.45
C LEU D 74 8.65 -11.05 -14.81
N ILE D 75 9.49 -10.67 -15.77
CA ILE D 75 9.42 -11.27 -17.08
C ILE D 75 9.50 -12.78 -16.92
N VAL D 76 10.46 -13.19 -16.14
CA VAL D 76 10.70 -14.63 -15.90
C VAL D 76 9.52 -15.22 -15.11
N SER D 77 9.24 -14.65 -13.93
CA SER D 77 8.26 -15.27 -13.03
C SER D 77 6.84 -15.32 -13.62
N ASN D 78 6.43 -14.29 -14.30
CA ASN D 78 5.12 -14.28 -14.99
C ASN D 78 5.05 -15.43 -16.01
N CYS D 79 6.12 -15.64 -16.77
CA CYS D 79 6.16 -16.67 -17.77
C CYS D 79 6.05 -18.06 -17.13
N LEU D 80 6.73 -18.26 -16.03
CA LEU D 80 6.75 -19.54 -15.37
C LEU D 80 5.39 -19.84 -14.73
N LYS D 81 4.75 -18.78 -14.28
CA LYS D 81 3.39 -18.91 -13.65
C LYS D 81 2.31 -19.21 -14.72
N TYR D 82 2.30 -18.44 -15.80
CA TYR D 82 1.24 -18.57 -16.79
C TYR D 82 1.34 -19.82 -17.63
N ASN D 83 2.55 -20.15 -18.05
CA ASN D 83 2.73 -21.21 -19.02
C ASN D 83 2.98 -22.57 -18.34
N ALA D 84 2.43 -23.63 -18.92
CA ALA D 84 2.75 -25.01 -18.46
C ALA D 84 4.23 -25.39 -18.63
N LYS D 85 4.68 -26.23 -17.70
CA LYS D 85 6.08 -26.67 -17.59
C LYS D 85 6.62 -27.24 -18.90
N ASP D 86 5.80 -27.91 -19.70
CA ASP D 86 6.31 -28.54 -20.89
C ASP D 86 6.34 -27.62 -22.10
N THR D 87 5.92 -26.37 -21.95
CA THR D 87 5.89 -25.45 -23.09
C THR D 87 7.22 -24.86 -23.47
N ILE D 88 7.41 -24.49 -24.75
CA ILE D 88 8.67 -23.84 -25.11
C ILE D 88 8.84 -22.52 -24.30
N PHE D 89 7.73 -21.85 -23.98
CA PHE D 89 7.79 -20.59 -23.26
C PHE D 89 8.32 -20.74 -21.85
N TYR D 90 7.81 -21.71 -21.11
CA TYR D 90 8.31 -22.02 -19.77
C TYR D 90 9.79 -22.33 -19.86
N ARG D 91 10.17 -23.20 -20.80
CA ARG D 91 11.55 -23.61 -20.90
C ARG D 91 12.47 -22.45 -21.26
N ALA D 92 11.97 -21.54 -22.08
CA ALA D 92 12.69 -20.30 -22.45
C ALA D 92 12.93 -19.41 -21.23
N ALA D 93 11.93 -19.33 -20.36
CA ALA D 93 12.02 -18.53 -19.12
C ALA D 93 13.03 -19.10 -18.16
N VAL D 94 13.09 -20.40 -18.02
CA VAL D 94 14.13 -21.04 -17.24
C VAL D 94 15.55 -20.71 -17.74
N ARG D 95 15.75 -20.80 -19.05
CA ARG D 95 17.05 -20.42 -19.64
C ARG D 95 17.39 -18.97 -19.42
N LEU D 96 16.41 -18.10 -19.58
CA LEU D 96 16.60 -16.71 -19.35
C LEU D 96 16.95 -16.46 -17.92
N ARG D 97 16.24 -17.10 -17.00
CA ARG D 97 16.55 -16.88 -15.61
C ARG D 97 17.99 -17.25 -15.33
N GLU D 98 18.42 -18.42 -15.78
CA GLU D 98 19.78 -18.87 -15.41
C GLU D 98 20.88 -18.03 -16.10
N GLN D 99 20.70 -17.65 -17.34
N GLN D 99 20.70 -17.65 -17.34
CA GLN D 99 21.71 -16.83 -18.01
CA GLN D 99 21.72 -16.86 -18.03
C GLN D 99 21.67 -15.37 -17.56
C GLN D 99 21.63 -15.36 -17.67
N GLY D 100 20.46 -14.87 -17.30
CA GLY D 100 20.30 -13.46 -16.86
C GLY D 100 20.86 -13.23 -15.46
N GLY D 101 20.85 -14.27 -14.62
CA GLY D 101 21.45 -14.20 -13.30
C GLY D 101 22.89 -13.73 -13.34
N ALA D 102 23.66 -14.27 -14.27
CA ALA D 102 25.07 -13.95 -14.35
C ALA D 102 25.24 -12.50 -14.79
N VAL D 103 24.38 -12.06 -15.73
CA VAL D 103 24.41 -10.70 -16.25
C VAL D 103 24.14 -9.70 -15.14
N LEU D 104 23.10 -9.97 -14.37
CA LEU D 104 22.69 -9.13 -13.28
C LEU D 104 23.71 -9.08 -12.15
N ARG D 105 24.38 -10.17 -11.89
CA ARG D 105 25.44 -10.18 -10.84
C ARG D 105 26.59 -9.29 -11.18
N GLN D 106 27.06 -9.38 -12.42
CA GLN D 106 28.13 -8.49 -12.90
C GLN D 106 27.75 -7.01 -12.88
N ALA D 107 26.56 -6.70 -13.40
CA ALA D 107 26.09 -5.35 -13.53
C ALA D 107 25.84 -4.75 -12.15
N ARG D 108 25.26 -5.52 -11.26
CA ARG D 108 25.03 -4.96 -9.90
C ARG D 108 26.36 -4.55 -9.28
N ARG D 109 27.39 -5.38 -9.44
CA ARG D 109 28.73 -5.01 -8.91
C ARG D 109 29.24 -3.68 -9.40
N GLN D 110 29.04 -3.46 -10.69
CA GLN D 110 29.43 -2.19 -11.25
C GLN D 110 28.57 -1.06 -10.71
N ALA D 111 27.26 -1.27 -10.49
CA ALA D 111 26.39 -0.23 -10.01
C ALA D 111 26.88 0.15 -8.60
N GLU D 112 27.32 -0.85 -7.84
CA GLU D 112 27.78 -0.60 -6.46
C GLU D 112 29.09 0.17 -6.45
N LYS D 113 29.98 -0.14 -7.39
CA LYS D 113 31.30 0.51 -7.49
C LYS D 113 31.18 1.96 -7.91
N MET D 114 30.09 2.25 -8.62
CA MET D 114 29.78 3.61 -9.04
C MET D 114 28.86 4.36 -8.08
N GLY D 115 28.48 3.75 -6.96
CA GLY D 115 27.70 4.46 -5.92
C GLY D 115 26.21 4.76 -6.05
N ILE D 116 25.53 4.24 -7.07
CA ILE D 116 24.05 4.32 -7.11
C ILE D 116 23.50 3.01 -7.67
N ASP D 117 23.97 1.91 -7.12
CA ASP D 117 23.13 0.71 -7.16
C ASP D 117 21.84 1.03 -6.45
N SER E 1 5.35 24.66 -5.67
CA SER E 1 6.25 24.32 -6.80
C SER E 1 7.73 24.07 -6.40
N GLY E 2 8.46 23.34 -7.25
CA GLY E 2 9.90 23.22 -7.10
C GLY E 2 10.69 24.24 -7.91
N ARG E 3 11.96 23.91 -8.16
CA ARG E 3 12.98 24.79 -8.72
C ARG E 3 12.65 25.36 -10.08
N GLY E 4 11.90 24.60 -10.88
CA GLY E 4 11.44 25.09 -12.15
C GLY E 4 12.15 24.53 -13.34
N GLN E 6 13.48 25.00 -17.21
CA GLN E 6 13.97 26.13 -18.03
C GLN E 6 12.98 26.41 -19.08
N GLY E 7 13.09 27.63 -19.61
CA GLY E 7 12.25 28.06 -20.69
C GLY E 7 10.82 28.32 -20.35
N GLY E 8 10.51 28.50 -19.05
CA GLY E 8 9.12 28.77 -18.59
C GLY E 8 8.68 30.19 -18.30
N LYS E 9 9.53 31.17 -18.62
CA LYS E 9 9.23 32.58 -18.34
C LYS E 9 8.24 33.16 -19.35
N ALA E 10 7.14 33.70 -18.83
CA ALA E 10 6.07 34.24 -19.68
C ALA E 10 6.39 35.66 -20.12
N SER F 1 -5.43 20.26 33.91
CA SER F 1 -4.62 19.83 32.75
C SER F 1 -3.11 19.62 33.06
N GLY F 2 -2.42 19.07 32.09
CA GLY F 2 -0.97 18.79 32.19
C GLY F 2 -0.17 19.93 31.60
N ARG F 3 1.08 19.67 31.26
CA ARG F 3 2.01 20.66 30.77
C ARG F 3 1.55 21.19 29.43
N GLY F 4 1.02 20.28 28.60
CA GLY F 4 0.39 20.70 27.35
C GLY F 4 1.10 20.10 26.15
N GLN F 6 2.47 20.61 22.28
CA GLN F 6 3.03 21.73 21.54
C GLN F 6 2.10 22.05 20.31
N GLY F 7 2.16 23.26 19.77
CA GLY F 7 1.24 23.69 18.73
C GLY F 7 -0.17 24.03 19.04
N GLY F 8 -0.49 24.31 20.32
CA GLY F 8 -1.84 24.52 20.69
C GLY F 8 -2.26 25.93 21.00
N LYS F 9 -1.31 26.85 20.75
CA LYS F 9 -1.61 28.25 20.99
C LYS F 9 -2.60 28.82 19.96
N ALA F 10 -3.71 29.39 20.44
CA ALA F 10 -4.75 29.82 19.47
C ALA F 10 -4.42 31.15 18.88
N SER G 1 -11.90 -27.41 25.29
CA SER G 1 -11.76 -26.72 23.97
C SER G 1 -13.11 -26.49 23.31
N GLY G 2 -13.20 -25.48 22.42
CA GLY G 2 -14.47 -25.21 21.72
C GLY G 2 -14.55 -26.06 20.42
N ARG G 3 -15.36 -25.62 19.49
CA ARG G 3 -15.75 -26.35 18.28
C ARG G 3 -14.62 -26.47 17.32
N GLY G 4 -13.77 -25.44 17.28
CA GLY G 4 -12.54 -25.60 16.53
C GLY G 4 -12.44 -24.64 15.36
N GLN G 6 -11.13 -24.03 11.41
N GLN G 6 -11.16 -24.05 11.38
CA GLN G 6 -10.93 -24.84 10.19
CA GLN G 6 -10.97 -24.88 10.16
C GLN G 6 -9.45 -25.00 9.86
C GLN G 6 -9.48 -25.00 9.85
N GLY G 7 -9.08 -26.07 9.18
CA GLY G 7 -7.67 -26.30 8.82
C GLY G 7 -6.75 -26.78 9.82
N GLY G 8 -7.21 -27.42 10.95
CA GLY G 8 -6.30 -27.84 11.97
C GLY G 8 -6.12 -29.36 12.13
N LYS G 9 -6.65 -30.14 11.18
CA LYS G 9 -6.43 -31.59 11.24
C LYS G 9 -5.05 -31.94 10.87
N ALA G 10 -4.40 -32.68 11.75
CA ALA G 10 -3.01 -33.05 11.49
C ALA G 10 -2.94 -34.13 10.43
N SER H 1 -1.54 -23.00 -14.49
CA SER H 1 -1.35 -22.45 -15.86
C SER H 1 -2.70 -21.92 -16.43
N GLY H 2 -2.63 -20.95 -17.34
CA GLY H 2 -3.81 -20.54 -18.14
C GLY H 2 -4.08 -21.44 -19.34
N ARG H 3 -4.93 -20.96 -20.26
CA ARG H 3 -5.28 -21.68 -21.44
C ARG H 3 -4.11 -21.83 -22.42
N GLY H 4 -3.08 -21.03 -22.26
CA GLY H 4 -1.86 -21.19 -23.05
C GLY H 4 -1.70 -20.26 -24.23
N GLN H 6 -0.30 -19.73 -28.13
CA GLN H 6 -0.24 -20.55 -29.35
C GLN H 6 1.27 -20.65 -29.72
N GLY H 7 1.67 -21.73 -30.36
CA GLY H 7 3.08 -21.88 -30.81
C GLY H 7 4.02 -22.38 -29.78
N GLY H 8 3.48 -22.95 -28.71
CA GLY H 8 4.33 -23.39 -27.56
C GLY H 8 4.59 -24.88 -27.40
N LYS H 9 4.13 -25.69 -28.33
CA LYS H 9 4.40 -27.15 -28.28
C LYS H 9 5.86 -27.52 -28.65
N ALA H 10 6.46 -28.29 -27.76
CA ALA H 10 7.89 -28.66 -27.87
C ALA H 10 8.15 -29.65 -29.00
#